data_4DPZ
#
_entry.id   4DPZ
#
_cell.length_a   41.738
_cell.length_b   37.078
_cell.length_c   45.423
_cell.angle_alpha   90.00
_cell.angle_beta   113.38
_cell.angle_gamma   90.00
#
_symmetry.space_group_name_H-M   'P 1 21 1'
#
loop_
_entity.id
_entity.type
_entity.pdbx_description
1 polymer 'HRAS-like suppressor 2'
2 water water
#
_entity_poly.entity_id   1
_entity_poly.type   'polypeptide(L)'
_entity_poly.pdbx_seq_one_letter_code
;MALARPRPRLGDLIEISRFGYAHWAIYVGDGYVVHLAPASEIAGAGAASVLSALTNKAIVKKELLSVVAGGDNYRVNNKH
DDRYTPLPSNKIVKRAEELVGQELPYSLTSDN(CSX)EHFVNHLRYGVSRSDQLEHHHHHH
;
_entity_poly.pdbx_strand_id   X
#
# COMPACT_ATOMS: atom_id res chain seq x y z
N ALA A 2 16.73 5.39 -13.95
CA ALA A 2 17.47 4.72 -15.06
C ALA A 2 17.68 3.22 -14.81
N LEU A 3 17.68 2.78 -13.55
CA LEU A 3 17.75 1.33 -13.23
C LEU A 3 16.51 0.52 -13.70
N ALA A 4 16.75 -0.53 -14.46
CA ALA A 4 15.68 -1.44 -14.80
C ALA A 4 15.13 -2.01 -13.49
N ARG A 5 13.81 -2.19 -13.39
CA ARG A 5 13.20 -2.75 -12.17
C ARG A 5 12.06 -3.64 -12.55
N PRO A 6 11.67 -4.58 -11.66
CA PRO A 6 10.43 -5.37 -11.89
C PRO A 6 9.16 -4.52 -11.81
N ARG A 7 8.14 -4.79 -12.64
CA ARG A 7 6.85 -4.08 -12.57
C ARG A 7 6.09 -4.63 -11.36
N PRO A 8 5.15 -3.82 -10.76
N PRO A 8 5.04 -3.92 -10.87
CA PRO A 8 4.47 -4.44 -9.64
CA PRO A 8 4.32 -4.39 -9.71
C PRO A 8 3.64 -5.67 -10.03
C PRO A 8 3.46 -5.62 -9.97
N ARG A 9 3.62 -6.57 -9.08
CA ARG A 9 2.81 -7.75 -9.05
C ARG A 9 1.69 -7.60 -8.07
N LEU A 10 0.63 -8.39 -8.30
CA LEU A 10 -0.48 -8.37 -7.37
C LEU A 10 -0.04 -8.57 -5.92
N GLY A 11 -0.51 -7.71 -5.03
CA GLY A 11 -0.19 -7.75 -3.61
C GLY A 11 1.07 -7.03 -3.18
N ASP A 12 1.85 -6.51 -4.14
CA ASP A 12 3.11 -5.83 -3.81
C ASP A 12 2.84 -4.58 -2.97
N LEU A 13 3.72 -4.33 -2.02
CA LEU A 13 3.74 -3.08 -1.30
C LEU A 13 4.45 -2.00 -2.12
N ILE A 14 3.78 -0.85 -2.23
CA ILE A 14 4.26 0.28 -3.01
C ILE A 14 4.56 1.42 -2.06
N GLU A 15 5.79 1.94 -2.15
CA GLU A 15 6.22 3.03 -1.29
C GLU A 15 6.53 4.23 -2.17
N ILE A 16 5.85 5.32 -1.95
CA ILE A 16 5.94 6.52 -2.79
C ILE A 16 6.68 7.56 -2.01
N SER A 17 7.73 8.03 -2.65
CA SER A 17 8.61 9.00 -2.05
CA SER A 17 8.64 9.02 -2.12
C SER A 17 8.08 10.42 -2.23
N ARG A 18 7.40 10.91 -1.20
CA ARG A 18 6.92 12.29 -1.18
C ARG A 18 8.08 13.20 -0.76
N PHE A 19 7.88 14.49 -0.96
CA PHE A 19 8.76 15.52 -0.40
C PHE A 19 8.60 15.48 1.13
N GLY A 20 9.52 14.79 1.79
CA GLY A 20 9.52 14.72 3.26
C GLY A 20 9.12 13.41 3.92
N TYR A 21 8.44 12.53 3.20
CA TYR A 21 7.91 11.32 3.83
C TYR A 21 7.40 10.32 2.83
N ALA A 22 7.11 9.13 3.31
CA ALA A 22 6.72 8.04 2.42
C ALA A 22 5.23 7.71 2.52
N HIS A 23 4.58 7.54 1.38
CA HIS A 23 3.21 7.10 1.31
CA HIS A 23 3.19 7.07 1.34
C HIS A 23 3.14 5.66 0.86
N TRP A 24 2.39 4.81 1.56
CA TRP A 24 2.30 3.39 1.20
C TRP A 24 0.98 3.04 0.59
N ALA A 25 1.02 2.05 -0.28
CA ALA A 25 -0.14 1.54 -0.97
C ALA A 25 0.11 0.07 -1.30
N ILE A 26 -0.93 -0.61 -1.74
CA ILE A 26 -0.79 -1.98 -2.15
C ILE A 26 -1.39 -2.19 -3.53
N TYR A 27 -0.63 -2.90 -4.37
CA TYR A 27 -0.98 -3.10 -5.79
C TYR A 27 -2.07 -4.15 -5.92
N VAL A 28 -3.18 -3.80 -6.59
CA VAL A 28 -4.31 -4.71 -6.79
C VAL A 28 -4.63 -5.07 -8.21
N GLY A 29 -3.81 -4.60 -9.15
CA GLY A 29 -3.88 -5.01 -10.53
C GLY A 29 -4.44 -3.95 -11.46
N ASP A 30 -4.07 -4.13 -12.71
CA ASP A 30 -4.55 -3.28 -13.84
C ASP A 30 -4.25 -1.81 -13.57
N GLY A 31 -3.12 -1.53 -12.93
CA GLY A 31 -2.69 -0.18 -12.65
C GLY A 31 -3.16 0.46 -11.38
N TYR A 32 -3.95 -0.28 -10.59
CA TYR A 32 -4.56 0.29 -9.41
C TYR A 32 -3.87 -0.15 -8.12
N VAL A 33 -3.96 0.76 -7.14
CA VAL A 33 -3.57 0.48 -5.79
C VAL A 33 -4.74 0.71 -4.84
N VAL A 34 -4.65 0.10 -3.68
CA VAL A 34 -5.53 0.40 -2.56
C VAL A 34 -4.64 1.05 -1.50
N HIS A 35 -5.16 2.09 -0.85
CA HIS A 35 -4.43 2.88 0.11
C HIS A 35 -5.37 3.68 1.00
N LEU A 36 -4.84 4.30 2.04
CA LEU A 36 -5.62 5.18 2.89
C LEU A 36 -5.53 6.62 2.45
N ALA A 37 -6.63 7.34 2.62
CA ALA A 37 -6.66 8.80 2.49
C ALA A 37 -7.48 9.38 3.60
N PRO A 38 -7.30 10.67 3.92
CA PRO A 38 -8.16 11.27 4.97
C PRO A 38 -9.65 11.15 4.64
N ALA A 39 -10.47 10.85 5.65
CA ALA A 39 -11.91 10.58 5.46
C ALA A 39 -12.68 11.89 5.24
N SER A 52 -2.23 12.74 8.64
CA SER A 52 -1.19 13.34 9.47
C SER A 52 -1.52 13.02 10.92
N ALA A 53 -0.77 13.59 11.87
CA ALA A 53 -1.12 13.46 13.29
C ALA A 53 -2.50 14.03 13.68
N LEU A 54 -3.09 14.89 12.84
CA LEU A 54 -4.43 15.47 13.14
C LEU A 54 -5.59 14.58 12.78
N THR A 55 -5.42 13.79 11.74
CA THR A 55 -6.51 13.02 11.16
C THR A 55 -6.65 11.69 11.89
N ASN A 56 -7.78 11.51 12.58
CA ASN A 56 -8.08 10.24 13.27
C ASN A 56 -8.97 9.26 12.51
N LYS A 57 -9.32 9.60 11.27
CA LYS A 57 -10.11 8.72 10.42
C LYS A 57 -9.56 8.78 9.01
N ALA A 58 -9.50 7.62 8.38
CA ALA A 58 -9.08 7.51 7.02
C ALA A 58 -10.14 6.71 6.30
N ILE A 59 -10.22 6.94 5.01
CA ILE A 59 -11.00 6.10 4.13
C ILE A 59 -10.12 5.28 3.22
N VAL A 60 -10.50 4.02 2.98
CA VAL A 60 -9.77 3.15 2.08
C VAL A 60 -10.22 3.48 0.65
N LYS A 61 -9.26 3.80 -0.20
CA LYS A 61 -9.56 4.21 -1.56
C LYS A 61 -8.80 3.28 -2.56
N LYS A 62 -9.40 3.08 -3.74
CA LYS A 62 -8.79 2.40 -4.83
C LYS A 62 -8.59 3.43 -5.93
N GLU A 63 -7.34 3.67 -6.34
CA GLU A 63 -7.02 4.69 -7.32
C GLU A 63 -5.89 4.18 -8.22
N LEU A 64 -5.71 4.82 -9.35
CA LEU A 64 -4.57 4.49 -10.22
C LEU A 64 -3.28 4.84 -9.49
N LEU A 65 -2.31 3.90 -9.54
CA LEU A 65 -0.99 4.19 -9.03
C LEU A 65 -0.43 5.48 -9.65
N SER A 66 -0.61 5.67 -10.93
CA SER A 66 -0.03 6.84 -11.54
C SER A 66 -0.64 8.16 -10.99
N VAL A 67 -1.90 8.13 -10.60
CA VAL A 67 -2.55 9.27 -10.01
C VAL A 67 -2.10 9.49 -8.58
N VAL A 68 -2.03 8.44 -7.79
CA VAL A 68 -1.53 8.54 -6.44
C VAL A 68 -0.11 9.10 -6.43
N ALA A 69 0.75 8.52 -7.26
CA ALA A 69 2.17 8.93 -7.28
C ALA A 69 2.38 10.31 -7.87
N GLY A 70 1.63 10.65 -8.93
CA GLY A 70 1.81 11.91 -9.58
C GLY A 70 3.24 12.04 -10.10
N GLY A 71 3.84 13.18 -9.81
CA GLY A 71 5.23 13.44 -10.18
C GLY A 71 6.28 12.80 -9.33
N ASP A 72 5.87 12.06 -8.29
CA ASP A 72 6.80 11.32 -7.48
C ASP A 72 6.98 9.91 -8.02
N ASN A 73 8.18 9.41 -7.87
CA ASN A 73 8.47 8.01 -8.11
C ASN A 73 7.99 7.09 -6.99
N TYR A 74 7.69 5.85 -7.38
CA TYR A 74 7.33 4.80 -6.47
C TYR A 74 8.31 3.67 -6.58
N ARG A 75 8.37 2.82 -5.54
CA ARG A 75 9.15 1.63 -5.59
C ARG A 75 8.34 0.50 -4.97
N VAL A 76 8.62 -0.72 -5.39
CA VAL A 76 8.10 -1.91 -4.68
C VAL A 76 9.01 -2.13 -3.46
N ASN A 77 8.43 -2.28 -2.29
CA ASN A 77 9.23 -2.57 -1.11
C ASN A 77 8.46 -3.56 -0.24
N ASN A 78 8.61 -4.85 -0.56
CA ASN A 78 8.02 -5.94 0.21
C ASN A 78 8.94 -6.21 1.42
N LYS A 79 8.89 -5.25 2.33
CA LYS A 79 9.97 -5.06 3.28
C LYS A 79 10.26 -6.25 4.20
N HIS A 80 9.24 -7.00 4.59
CA HIS A 80 9.38 -8.06 5.57
C HIS A 80 9.43 -9.45 4.97
N ASP A 81 9.39 -9.57 3.67
CA ASP A 81 9.27 -10.87 3.00
C ASP A 81 10.36 -11.84 3.38
N ASP A 82 11.58 -11.36 3.61
CA ASP A 82 12.64 -12.31 3.92
C ASP A 82 12.54 -12.96 5.28
N ARG A 83 11.74 -12.36 6.17
CA ARG A 83 11.53 -12.87 7.51
C ARG A 83 10.14 -13.44 7.75
N TYR A 84 9.17 -13.05 6.91
CA TYR A 84 7.78 -13.41 7.17
C TYR A 84 7.13 -13.68 5.80
N THR A 85 6.62 -14.90 5.61
CA THR A 85 6.05 -15.28 4.34
C THR A 85 4.77 -14.49 4.08
N PRO A 86 4.67 -13.84 2.92
CA PRO A 86 3.41 -13.16 2.64
C PRO A 86 2.26 -14.13 2.43
N LEU A 87 1.06 -13.61 2.60
CA LEU A 87 -0.12 -14.36 2.25
C LEU A 87 -0.15 -14.53 0.72
N PRO A 88 -0.90 -15.56 0.25
CA PRO A 88 -1.07 -15.69 -1.19
C PRO A 88 -1.70 -14.43 -1.78
N SER A 89 -1.30 -14.12 -3.00
CA SER A 89 -1.69 -12.84 -3.59
C SER A 89 -3.22 -12.69 -3.66
N ASN A 90 -3.97 -13.76 -3.93
CA ASN A 90 -5.41 -13.60 -3.95
C ASN A 90 -5.99 -13.19 -2.61
N LYS A 91 -5.40 -13.68 -1.52
CA LYS A 91 -5.89 -13.31 -0.23
C LYS A 91 -5.55 -11.85 0.05
N ILE A 92 -4.37 -11.42 -0.37
CA ILE A 92 -3.98 -10.02 -0.21
C ILE A 92 -4.95 -9.11 -0.93
N VAL A 93 -5.15 -9.41 -2.23
CA VAL A 93 -5.99 -8.57 -3.10
C VAL A 93 -7.46 -8.56 -2.65
N LYS A 94 -7.96 -9.73 -2.31
CA LYS A 94 -9.36 -9.83 -1.93
C LYS A 94 -9.64 -8.99 -0.70
N ARG A 95 -8.73 -9.08 0.28
CA ARG A 95 -8.94 -8.34 1.51
C ARG A 95 -8.79 -6.79 1.28
N ALA A 96 -7.83 -6.39 0.44
CA ALA A 96 -7.66 -4.98 0.10
C ALA A 96 -8.93 -4.45 -0.57
N GLU A 97 -9.43 -5.17 -1.56
CA GLU A 97 -10.60 -4.77 -2.33
C GLU A 97 -11.82 -4.69 -1.44
N GLU A 98 -11.98 -5.66 -0.54
CA GLU A 98 -13.19 -5.64 0.27
C GLU A 98 -13.25 -4.49 1.24
N LEU A 99 -12.10 -3.90 1.57
CA LEU A 99 -12.05 -2.78 2.44
C LEU A 99 -12.31 -1.43 1.76
N VAL A 100 -12.33 -1.39 0.45
CA VAL A 100 -12.50 -0.11 -0.25
C VAL A 100 -13.82 0.55 0.16
N GLY A 101 -13.75 1.83 0.54
CA GLY A 101 -14.92 2.59 0.99
C GLY A 101 -15.14 2.56 2.48
N GLN A 102 -14.45 1.68 3.20
CA GLN A 102 -14.54 1.64 4.67
C GLN A 102 -13.73 2.78 5.31
N GLU A 103 -14.27 3.34 6.38
CA GLU A 103 -13.52 4.23 7.23
C GLU A 103 -12.83 3.42 8.33
N LEU A 104 -11.59 3.77 8.59
CA LEU A 104 -10.75 3.14 9.61
C LEU A 104 -10.26 4.25 10.54
N PRO A 105 -9.99 3.93 11.81
CA PRO A 105 -9.33 4.91 12.68
C PRO A 105 -8.00 5.46 12.10
N ASP A 111 3.17 5.96 8.75
CA ASP A 111 3.18 4.80 9.65
C ASP A 111 1.85 4.05 9.68
N ASN A 112 0.74 4.77 9.82
CA ASN A 112 -0.58 4.12 9.75
C ASN A 112 -0.77 3.41 8.43
N CSX A 113 -0.41 4.07 7.33
CA CSX A 113 -0.51 3.48 5.99
CB CSX A 113 -0.24 4.47 4.84
SG CSX A 113 1.27 5.28 4.93
C CSX A 113 0.37 2.24 5.90
O CSX A 113 -0.04 1.20 5.38
OD CSX A 113 1.25 6.29 3.82
N CYS A 113 -0.39 4.08 7.35
CA CYS A 113 -0.48 3.51 6.00
C CYS A 113 0.41 2.29 5.81
N GLU A 114 1.59 2.33 6.43
CA GLU A 114 2.49 1.18 6.41
C GLU A 114 1.88 -0.03 7.18
N HIS A 115 1.33 0.23 8.37
CA HIS A 115 0.65 -0.85 9.14
C HIS A 115 -0.53 -1.45 8.40
N PHE A 116 -1.30 -0.59 7.76
CA PHE A 116 -2.41 -1.06 6.92
C PHE A 116 -1.93 -2.01 5.84
N VAL A 117 -0.94 -1.60 5.07
CA VAL A 117 -0.52 -2.43 3.98
C VAL A 117 0.18 -3.74 4.46
N ASN A 118 0.91 -3.66 5.56
CA ASN A 118 1.51 -4.84 6.16
C ASN A 118 0.44 -5.82 6.61
N HIS A 119 -0.61 -5.34 7.24
CA HIS A 119 -1.72 -6.22 7.63
CA HIS A 119 -1.66 -6.26 7.65
C HIS A 119 -2.23 -7.00 6.43
N LEU A 120 -2.42 -6.30 5.33
CA LEU A 120 -2.95 -6.94 4.14
C LEU A 120 -2.00 -7.94 3.53
N ARG A 121 -0.71 -7.62 3.47
CA ARG A 121 0.21 -8.53 2.80
C ARG A 121 0.57 -9.75 3.67
N TYR A 122 0.79 -9.50 4.95
CA TYR A 122 1.32 -10.53 5.86
C TYR A 122 0.31 -11.15 6.80
N GLY A 123 -0.79 -10.45 7.05
CA GLY A 123 -1.78 -10.83 8.06
C GLY A 123 -1.58 -10.30 9.47
N VAL A 124 -0.46 -9.64 9.68
CA VAL A 124 0.00 -9.13 10.96
C VAL A 124 0.73 -7.79 10.65
N SER A 125 0.79 -6.91 11.62
CA SER A 125 1.56 -5.66 11.43
C SER A 125 2.34 -5.21 12.67
N ARG A 126 2.22 -5.92 13.79
CA ARG A 126 2.95 -5.49 14.96
C ARG A 126 4.39 -6.02 14.93
N SER A 127 5.30 -5.18 15.43
CA SER A 127 6.71 -5.53 15.59
C SER A 127 6.91 -6.39 16.83
#